data_2OWC
#
_entry.id   2OWC
#
_cell.length_a   92.405
_cell.length_b   92.405
_cell.length_c   154.115
_cell.angle_alpha   90.00
_cell.angle_beta   90.00
_cell.angle_gamma   120.00
#
_symmetry.space_group_name_H-M   'P 31 2 1'
#
loop_
_entity.id
_entity.type
_entity.pdbx_description
1 polymer 4-alpha-glucanotransferase
2 branched 4,6-dideoxy-4-{[(1S,4R,5S,6S)-4,5,6-trihydroxy-3-(hydroxymethyl)cyclohex-2-en-1-yl]amino}-alpha-D-glucopyranose-(1-4)-alpha-D-glucopyranose
3 non-polymer GLYCEROL
4 non-polymer 'MALONATE ION'
5 water water
#
_entity_poly.entity_id   1
_entity_poly.type   'polypeptide(L)'
_entity_poly.pdbx_seq_one_letter_code
;GSHMELPRAFGLLLHPTSLPGPYGVGVLGQEARDFLRFLKEAGGRYWQVLPLGPTGYGDSPYQSFSAFAGNPYLIDLRPL
AERGYVRLEDPGFPQGRVDYGLLYAWKWPALKEAFRGFKEKASPEEREAFAAFREREAWWLEDYALFMALKGAHGGLPWN
RWPLPLRKREEKALREAKSALAEEVAFHAFTQWLFFRQWGALKAEAEALGIRIIGDMPIFVAEDSAEVWAHPEWFHLDEE
GRPTVVAGVPPDYFSETGQRWGNPLYRWDVLEREGFSFWIRRLEKALELFHLVRIDHFRGFEAYWEIPASCPTAVEGRWV
KAPGEKLFQKIQEVFGEVPVLAEDLGVITPEVEALRDRFGLPGMKVLQFAFD(SUI)MENPFLPHNYPAHGRVVVYTGTH
DNDTTLGWYRTATPHEKAFMARYLADWGITFREEEEVPWALMHLGMKSVARLAVYPVQDVLALGSEARMNYPGRPSGNWA
WRLLPGELSPEHGARLRAMAEATERL
;
_entity_poly.pdbx_strand_id   A
#
loop_
_chem_comp.id
_chem_comp.type
_chem_comp.name
_chem_comp.formula
AC1 D-saccharide 4,6-dideoxy-4-{[(1S,4R,5S,6S)-4,5,6-trihydroxy-3-(hydroxymethyl)cyclohex-2-en-1-yl]amino}-alpha-D-glucopyranose 'C13 H23 N O8'
GLC D-saccharide, alpha linking alpha-D-glucopyranose 'C6 H12 O6'
GOL non-polymer GLYCEROL 'C3 H8 O3'
MLI non-polymer 'MALONATE ION' 'C3 H2 O4 -2'
#
# COMPACT_ATOMS: atom_id res chain seq x y z
N MET A 4 -17.43 2.18 -11.35
CA MET A 4 -17.78 2.06 -9.90
C MET A 4 -18.78 3.14 -9.47
N GLU A 5 -19.65 2.78 -8.53
CA GLU A 5 -20.55 3.78 -7.93
C GLU A 5 -20.04 4.05 -6.53
N LEU A 6 -19.77 5.32 -6.24
CA LEU A 6 -19.31 5.71 -4.91
C LEU A 6 -20.48 6.27 -4.12
N PRO A 7 -20.82 5.63 -3.00
CA PRO A 7 -21.83 6.21 -2.13
C PRO A 7 -21.21 7.35 -1.30
N ARG A 8 -22.05 8.21 -0.74
CA ARG A 8 -21.58 9.23 0.18
C ARG A 8 -21.32 8.60 1.54
N ALA A 9 -20.06 8.56 1.95
CA ALA A 9 -19.67 7.79 3.13
C ALA A 9 -18.31 8.22 3.67
N PHE A 10 -17.89 7.60 4.77
CA PHE A 10 -16.54 7.81 5.29
C PHE A 10 -15.83 6.49 5.56
N GLY A 11 -14.52 6.58 5.69
CA GLY A 11 -13.72 5.44 6.07
C GLY A 11 -12.48 5.86 6.84
N LEU A 12 -11.67 4.87 7.19
CA LEU A 12 -10.43 5.09 7.93
C LEU A 12 -9.25 4.42 7.24
N LEU A 13 -8.11 5.08 7.31
CA LEU A 13 -6.85 4.60 6.78
C LEU A 13 -6.04 4.00 7.91
N LEU A 14 -5.80 2.71 7.83
CA LEU A 14 -5.02 2.01 8.84
C LEU A 14 -4.37 0.78 8.22
N HIS A 15 -3.06 0.84 8.00
CA HIS A 15 -2.30 -0.29 7.50
C HIS A 15 -2.33 -1.39 8.57
N PRO A 16 -2.51 -2.66 8.16
CA PRO A 16 -2.64 -3.72 9.17
C PRO A 16 -1.49 -3.84 10.16
N THR A 17 -0.27 -3.46 9.76
CA THR A 17 0.86 -3.48 10.68
C THR A 17 0.62 -2.63 11.92
N SER A 18 -0.18 -1.58 11.76
CA SER A 18 -0.47 -0.64 12.86
C SER A 18 -1.50 -1.14 13.86
N LEU A 19 -2.12 -2.30 13.61
CA LEU A 19 -3.08 -2.86 14.55
C LEU A 19 -2.39 -3.18 15.86
N PRO A 20 -3.13 -3.11 16.98
CA PRO A 20 -2.52 -3.53 18.23
C PRO A 20 -2.51 -5.05 18.32
N GLY A 21 -1.79 -5.58 19.31
CA GLY A 21 -1.78 -7.01 19.57
C GLY A 21 -0.37 -7.50 19.87
N PRO A 22 -0.26 -8.78 20.28
CA PRO A 22 1.02 -9.34 20.69
C PRO A 22 1.92 -9.72 19.51
N TYR A 23 3.20 -9.94 19.83
CA TYR A 23 4.20 -10.48 18.91
C TYR A 23 4.73 -9.51 17.85
N GLY A 24 4.66 -8.21 18.13
CA GLY A 24 5.54 -7.24 17.48
C GLY A 24 5.04 -6.50 16.24
N VAL A 25 3.88 -6.91 15.71
CA VAL A 25 3.31 -6.25 14.54
C VAL A 25 1.82 -6.58 14.45
N GLY A 26 1.04 -5.67 13.85
CA GLY A 26 -0.35 -5.99 13.56
C GLY A 26 -0.43 -7.16 12.60
N VAL A 27 -1.40 -8.05 12.82
CA VAL A 27 -1.59 -9.24 12.00
C VAL A 27 -3.06 -9.43 11.59
N LEU A 28 -3.30 -10.43 10.74
CA LEU A 28 -4.64 -10.70 10.19
C LEU A 28 -5.45 -11.64 11.08
N GLY A 29 -5.77 -11.17 12.28
CA GLY A 29 -6.43 -11.99 13.30
C GLY A 29 -7.49 -11.22 14.06
N GLN A 30 -7.57 -11.49 15.37
CA GLN A 30 -8.68 -11.01 16.20
C GLN A 30 -8.74 -9.47 16.26
N GLU A 31 -7.58 -8.83 16.43
CA GLU A 31 -7.52 -7.37 16.53
C GLU A 31 -7.95 -6.72 15.21
N ALA A 32 -7.63 -7.37 14.09
CA ALA A 32 -8.12 -6.92 12.79
C ALA A 32 -9.65 -6.99 12.74
N ARG A 33 -10.22 -8.08 13.24
CA ARG A 33 -11.68 -8.22 13.29
C ARG A 33 -12.31 -7.21 14.25
N ASP A 34 -11.67 -6.98 15.39
CA ASP A 34 -12.09 -5.98 16.35
C ASP A 34 -12.10 -4.57 15.75
N PHE A 35 -11.13 -4.27 14.89
CA PHE A 35 -11.07 -2.98 14.22
C PHE A 35 -12.22 -2.82 13.22
N LEU A 36 -12.49 -3.86 12.43
CA LEU A 36 -13.62 -3.84 11.50
C LEU A 36 -14.96 -3.63 12.23
N ARG A 37 -15.10 -4.26 13.40
CA ARG A 37 -16.28 -4.08 14.27
C ARG A 37 -16.37 -2.63 14.76
N PHE A 38 -15.24 -2.09 15.21
CA PHE A 38 -15.16 -0.66 15.57
C PHE A 38 -15.60 0.24 14.41
N LEU A 39 -15.08 -0.05 13.22
CA LEU A 39 -15.37 0.75 12.04
C LEU A 39 -16.85 0.74 11.70
N LYS A 40 -17.46 -0.46 11.69
CA LYS A 40 -18.90 -0.59 11.43
C LYS A 40 -19.74 0.16 12.46
N GLU A 41 -19.39 0.01 13.73
CA GLU A 41 -20.11 0.69 14.81
C GLU A 41 -19.92 2.22 14.80
N ALA A 42 -18.82 2.68 14.20
CA ALA A 42 -18.57 4.09 13.99
C ALA A 42 -19.31 4.66 12.77
N GLY A 43 -19.97 3.79 12.00
CA GLY A 43 -20.68 4.19 10.79
C GLY A 43 -19.84 4.17 9.54
N GLY A 44 -18.61 3.66 9.65
CA GLY A 44 -17.67 3.68 8.53
C GLY A 44 -17.97 2.57 7.52
N ARG A 45 -17.71 2.85 6.25
CA ARG A 45 -17.99 1.88 5.20
C ARG A 45 -16.75 1.48 4.38
N TYR A 46 -15.61 2.09 4.69
CA TYR A 46 -14.38 1.82 3.96
C TYR A 46 -13.19 1.69 4.89
N TRP A 47 -12.32 0.74 4.58
CA TRP A 47 -11.06 0.54 5.27
C TRP A 47 -9.97 0.59 4.24
N GLN A 48 -9.07 1.57 4.37
CA GLN A 48 -7.98 1.72 3.42
C GLN A 48 -6.68 1.23 4.02
N VAL A 49 -5.93 0.48 3.22
CA VAL A 49 -4.63 -0.04 3.61
C VAL A 49 -3.61 0.36 2.55
N LEU A 50 -2.34 0.15 2.85
CA LEU A 50 -1.26 0.36 1.89
C LEU A 50 -0.98 -0.98 1.18
N PRO A 51 -0.08 -1.02 0.18
CA PRO A 51 0.20 -2.31 -0.44
C PRO A 51 0.60 -3.42 0.57
N LEU A 52 0.18 -4.64 0.29
CA LEU A 52 0.29 -5.73 1.27
C LEU A 52 1.40 -6.75 0.97
N GLY A 53 2.32 -6.40 0.10
CA GLY A 53 3.40 -7.31 -0.30
C GLY A 53 4.58 -7.39 0.66
N PRO A 54 5.46 -8.39 0.45
CA PRO A 54 6.64 -8.56 1.31
C PRO A 54 7.62 -7.42 1.13
N THR A 55 8.20 -6.96 2.24
CA THR A 55 9.04 -5.78 2.24
C THR A 55 10.51 -6.16 2.41
N GLY A 56 11.39 -5.26 1.98
CA GLY A 56 12.82 -5.44 2.18
C GLY A 56 13.43 -4.26 2.93
N TYR A 57 14.60 -3.83 2.47
CA TYR A 57 15.34 -2.74 3.11
C TYR A 57 14.54 -1.43 3.09
N GLY A 58 14.30 -0.86 4.26
CA GLY A 58 13.48 0.36 4.40
C GLY A 58 12.05 0.09 4.87
N ASP A 59 11.62 -1.15 4.71
CA ASP A 59 10.31 -1.65 5.20
C ASP A 59 9.09 -1.06 4.50
N SER A 60 9.31 -0.46 3.33
CA SER A 60 8.23 0.25 2.63
C SER A 60 7.35 -0.72 1.87
N PRO A 61 6.02 -0.62 2.05
CA PRO A 61 5.05 -1.36 1.24
C PRO A 61 5.17 -1.09 -0.25
N TYR A 62 5.75 0.06 -0.63
CA TYR A 62 5.86 0.47 -2.03
C TYR A 62 7.13 -0.02 -2.75
N GLN A 63 7.91 -0.87 -2.09
CA GLN A 63 9.09 -1.49 -2.74
C GLN A 63 9.19 -2.98 -2.37
N SER A 64 8.35 -3.79 -3.03
CA SER A 64 8.16 -5.17 -2.63
C SER A 64 8.95 -6.17 -3.48
N PHE A 65 9.32 -7.29 -2.86
CA PHE A 65 9.96 -8.41 -3.54
C PHE A 65 9.05 -9.07 -4.58
N SER A 66 7.75 -8.77 -4.54
CA SER A 66 6.83 -9.26 -5.55
C SER A 66 5.58 -8.38 -5.65
N ALA A 67 5.12 -8.20 -6.89
CA ALA A 67 3.88 -7.48 -7.19
C ALA A 67 2.63 -8.30 -6.86
N PHE A 68 2.81 -9.58 -6.57
CA PHE A 68 1.68 -10.49 -6.29
C PHE A 68 1.64 -11.07 -4.90
N ALA A 69 2.79 -11.21 -4.26
CA ALA A 69 2.88 -11.87 -2.96
C ALA A 69 2.30 -11.03 -1.83
N GLY A 70 2.01 -11.70 -0.72
CA GLY A 70 1.54 -11.08 0.49
C GLY A 70 2.63 -11.08 1.55
N ASN A 71 2.51 -10.15 2.48
CA ASN A 71 3.55 -9.89 3.49
C ASN A 71 3.51 -10.91 4.62
N PRO A 72 4.54 -11.78 4.72
CA PRO A 72 4.53 -12.75 5.82
C PRO A 72 4.50 -12.15 7.23
N TYR A 73 4.93 -10.90 7.40
CA TYR A 73 4.84 -10.24 8.72
C TYR A 73 3.40 -10.04 9.20
N LEU A 74 2.45 -10.04 8.27
CA LEU A 74 1.03 -9.86 8.62
C LEU A 74 0.35 -11.17 9.00
N ILE A 75 1.06 -12.29 8.89
CA ILE A 75 0.51 -13.61 9.24
C ILE A 75 0.35 -13.68 10.75
N ASP A 76 -0.85 -14.03 11.20
CA ASP A 76 -1.11 -14.27 12.62
C ASP A 76 -0.59 -15.65 12.96
N LEU A 77 0.35 -15.72 13.90
CA LEU A 77 0.96 -17.00 14.30
C LEU A 77 0.13 -17.78 15.31
N ARG A 78 -0.84 -17.13 15.95
CA ARG A 78 -1.62 -17.76 17.01
C ARG A 78 -2.39 -19.02 16.56
N PRO A 79 -3.06 -18.97 15.39
CA PRO A 79 -3.67 -20.21 14.87
C PRO A 79 -2.69 -21.35 14.61
N LEU A 80 -1.44 -21.03 14.24
CA LEU A 80 -0.43 -22.06 14.02
C LEU A 80 0.00 -22.66 15.36
N ALA A 81 0.14 -21.81 16.36
CA ALA A 81 0.43 -22.26 17.72
C ALA A 81 -0.69 -23.14 18.30
N GLU A 82 -1.94 -22.80 17.97
CA GLU A 82 -3.10 -23.59 18.42
C GLU A 82 -3.09 -25.02 17.86
N ARG A 83 -2.56 -25.20 16.65
CA ARG A 83 -2.42 -26.52 16.04
C ARG A 83 -1.13 -27.24 16.46
N GLY A 84 -0.38 -26.65 17.39
CA GLY A 84 0.87 -27.21 17.86
C GLY A 84 2.03 -27.16 16.87
N TYR A 85 1.98 -26.25 15.90
CA TYR A 85 3.04 -26.15 14.90
C TYR A 85 4.25 -25.38 15.42
N VAL A 86 4.03 -24.51 16.39
CA VAL A 86 5.08 -23.62 16.90
C VAL A 86 4.72 -23.19 18.30
N ARG A 87 5.73 -22.90 19.10
CA ARG A 87 5.55 -22.34 20.43
C ARG A 87 6.01 -20.89 20.39
N LEU A 88 5.12 -19.96 20.77
CA LEU A 88 5.43 -18.54 20.71
C LEU A 88 5.85 -18.02 22.07
N GLU A 89 6.96 -17.29 22.09
CA GLU A 89 7.43 -16.62 23.29
C GLU A 89 7.85 -15.21 22.93
N ASP A 90 7.13 -14.23 23.48
CA ASP A 90 7.38 -12.83 23.22
C ASP A 90 8.77 -12.39 23.69
N PRO A 91 9.63 -11.94 22.76
CA PRO A 91 10.98 -11.49 23.11
C PRO A 91 11.05 -10.14 23.81
N GLY A 92 9.96 -9.38 23.83
CA GLY A 92 9.97 -8.03 24.40
C GLY A 92 9.84 -6.96 23.33
N PHE A 93 8.72 -6.98 22.62
CA PHE A 93 8.46 -5.98 21.58
C PHE A 93 8.01 -4.67 22.20
N PRO A 94 8.38 -3.52 21.60
CA PRO A 94 7.96 -2.25 22.16
C PRO A 94 6.46 -1.99 22.04
N GLN A 95 5.98 -1.00 22.78
CA GLN A 95 4.58 -0.55 22.71
C GLN A 95 4.49 0.55 21.67
N GLY A 96 3.47 0.50 20.84
CA GLY A 96 3.15 1.62 19.93
C GLY A 96 4.04 1.75 18.70
N ARG A 97 4.92 0.79 18.46
CA ARG A 97 5.72 0.83 17.25
C ARG A 97 6.23 -0.54 16.86
N VAL A 98 6.36 -0.74 15.55
CA VAL A 98 7.03 -1.93 15.01
C VAL A 98 8.55 -1.72 15.09
N ASP A 99 9.24 -2.65 15.76
CA ASP A 99 10.69 -2.76 15.68
C ASP A 99 10.99 -3.81 14.61
N TYR A 100 11.29 -3.34 13.40
CA TYR A 100 11.44 -4.24 12.26
C TYR A 100 12.70 -5.10 12.35
N GLY A 101 13.72 -4.64 13.07
CA GLY A 101 14.91 -5.46 13.32
C GLY A 101 14.56 -6.67 14.16
N LEU A 102 13.90 -6.44 15.27
CA LEU A 102 13.46 -7.54 16.16
C LEU A 102 12.40 -8.44 15.50
N LEU A 103 11.48 -7.83 14.75
CA LEU A 103 10.48 -8.58 13.98
C LEU A 103 11.16 -9.51 12.99
N TYR A 104 12.11 -8.99 12.22
CA TYR A 104 12.92 -9.78 11.30
C TYR A 104 13.60 -10.96 12.00
N ALA A 105 14.20 -10.67 13.16
CA ALA A 105 15.01 -11.65 13.88
C ALA A 105 14.15 -12.72 14.55
N TRP A 106 12.92 -12.37 14.92
CA TRP A 106 12.05 -13.29 15.66
C TRP A 106 10.95 -13.94 14.80
N LYS A 107 10.37 -13.18 13.86
CA LYS A 107 9.22 -13.72 13.13
C LYS A 107 9.57 -14.66 11.99
N TRP A 108 10.63 -14.39 11.26
CA TRP A 108 11.03 -15.32 10.21
C TRP A 108 11.33 -16.72 10.77
N PRO A 109 12.15 -16.81 11.83
CA PRO A 109 12.36 -18.12 12.46
C PRO A 109 11.09 -18.77 13.01
N ALA A 110 10.18 -17.97 13.57
CA ALA A 110 8.92 -18.51 14.08
C ALA A 110 8.07 -19.11 12.95
N LEU A 111 8.05 -18.44 11.80
CA LEU A 111 7.35 -18.95 10.61
C LEU A 111 7.98 -20.24 10.09
N LYS A 112 9.31 -20.29 10.10
CA LYS A 112 10.05 -21.48 9.63
C LYS A 112 9.84 -22.66 10.57
N GLU A 113 9.81 -22.42 11.88
CA GLU A 113 9.46 -23.44 12.86
C GLU A 113 8.03 -23.94 12.63
N ALA A 114 7.10 -23.00 12.45
CA ALA A 114 5.70 -23.34 12.16
C ALA A 114 5.55 -24.20 10.90
N PHE A 115 6.38 -23.94 9.89
CA PHE A 115 6.37 -24.72 8.65
C PHE A 115 6.82 -26.16 8.89
N ARG A 116 7.90 -26.32 9.65
CA ARG A 116 8.42 -27.65 9.98
C ARG A 116 7.39 -28.41 10.82
N GLY A 117 6.76 -27.72 11.77
CA GLY A 117 5.66 -28.29 12.56
C GLY A 117 4.49 -28.77 11.70
N PHE A 118 4.15 -27.96 10.71
CA PHE A 118 3.08 -28.30 9.75
C PHE A 118 3.47 -29.53 8.93
N LYS A 119 4.71 -29.57 8.45
CA LYS A 119 5.18 -30.74 7.71
C LYS A 119 5.12 -32.00 8.57
N GLU A 120 5.30 -31.84 9.87
CA GLU A 120 5.24 -32.96 10.82
C GLU A 120 3.80 -33.39 11.17
N LYS A 121 2.93 -32.44 11.45
CA LYS A 121 1.64 -32.72 12.10
C LYS A 121 0.37 -32.42 11.28
N ALA A 122 0.49 -31.79 10.13
CA ALA A 122 -0.70 -31.37 9.38
C ALA A 122 -1.51 -32.56 8.88
N SER A 123 -2.84 -32.40 8.85
CA SER A 123 -3.72 -33.41 8.30
C SER A 123 -3.57 -33.50 6.79
N PRO A 124 -3.94 -34.65 6.19
CA PRO A 124 -3.91 -34.78 4.73
C PRO A 124 -4.74 -33.71 4.01
N GLU A 125 -5.83 -33.27 4.63
CA GLU A 125 -6.70 -32.26 4.05
C GLU A 125 -5.95 -30.94 3.89
N GLU A 126 -5.29 -30.53 4.97
CA GLU A 126 -4.49 -29.30 4.98
C GLU A 126 -3.36 -29.36 3.96
N ARG A 127 -2.66 -30.50 3.90
CA ARG A 127 -1.59 -30.71 2.94
C ARG A 127 -2.06 -30.59 1.49
N GLU A 128 -3.23 -31.17 1.20
CA GLU A 128 -3.75 -31.11 -0.16
C GLU A 128 -4.26 -29.71 -0.52
N ALA A 129 -4.91 -29.04 0.42
CA ALA A 129 -5.32 -27.65 0.26
C ALA A 129 -4.11 -26.73 -0.03
N PHE A 130 -3.00 -26.96 0.67
CA PHE A 130 -1.76 -26.21 0.46
C PHE A 130 -1.22 -26.50 -0.95
N ALA A 131 -1.19 -27.77 -1.35
CA ALA A 131 -0.73 -28.15 -2.69
C ALA A 131 -1.61 -27.58 -3.80
N ALA A 132 -2.91 -27.52 -3.52
CA ALA A 132 -3.90 -26.99 -4.47
C ALA A 132 -3.69 -25.49 -4.68
N PHE A 133 -3.49 -24.77 -3.58
CA PHE A 133 -3.09 -23.35 -3.63
C PHE A 133 -1.85 -23.14 -4.49
N ARG A 134 -0.82 -23.97 -4.28
CA ARG A 134 0.41 -23.85 -5.03
C ARG A 134 0.17 -24.03 -6.52
N GLU A 135 -0.68 -24.99 -6.88
CA GLU A 135 -1.01 -25.24 -8.28
C GLU A 135 -1.77 -24.06 -8.87
N ARG A 136 -2.73 -23.55 -8.11
CA ARG A 136 -3.53 -22.40 -8.55
C ARG A 136 -2.71 -21.14 -8.80
N GLU A 137 -1.75 -20.86 -7.92
CA GLU A 137 -0.98 -19.61 -7.97
C GLU A 137 0.39 -19.73 -8.64
N ALA A 138 0.66 -20.87 -9.27
CA ALA A 138 2.00 -21.19 -9.79
C ALA A 138 2.56 -20.14 -10.75
N TRP A 139 1.67 -19.49 -11.50
CA TRP A 139 2.06 -18.54 -12.53
C TRP A 139 2.89 -17.35 -12.00
N TRP A 140 2.75 -17.05 -10.70
CA TRP A 140 3.66 -16.10 -10.03
C TRP A 140 4.42 -16.72 -8.86
N LEU A 141 3.81 -17.70 -8.19
CA LEU A 141 4.35 -18.24 -6.94
C LEU A 141 5.63 -19.06 -7.15
N GLU A 142 5.74 -19.80 -8.24
CA GLU A 142 6.96 -20.59 -8.47
C GLU A 142 8.17 -19.67 -8.54
N ASP A 143 8.03 -18.56 -9.27
CA ASP A 143 9.09 -17.55 -9.39
C ASP A 143 9.35 -16.82 -8.07
N TYR A 144 8.30 -16.46 -7.35
CA TYR A 144 8.46 -15.75 -6.09
C TYR A 144 9.17 -16.62 -5.06
N ALA A 145 8.70 -17.85 -4.90
CA ALA A 145 9.26 -18.75 -3.90
C ALA A 145 10.72 -19.09 -4.19
N LEU A 146 11.04 -19.29 -5.47
CA LEU A 146 12.41 -19.60 -5.85
C LEU A 146 13.31 -18.38 -5.68
N PHE A 147 12.79 -17.22 -6.08
CA PHE A 147 13.47 -15.93 -5.86
C PHE A 147 13.89 -15.73 -4.40
N MET A 148 12.94 -15.94 -3.48
CA MET A 148 13.22 -15.80 -2.06
C MET A 148 14.20 -16.88 -1.57
N ALA A 149 14.04 -18.11 -2.06
CA ALA A 149 14.94 -19.20 -1.68
C ALA A 149 16.37 -18.92 -2.11
N LEU A 150 16.54 -18.39 -3.31
CA LEU A 150 17.87 -18.08 -3.83
C LEU A 150 18.59 -17.00 -3.05
N LYS A 151 17.85 -16.10 -2.41
CA LYS A 151 18.46 -15.10 -1.52
C LYS A 151 19.26 -15.77 -0.38
N GLY A 152 18.78 -16.91 0.09
CA GLY A 152 19.45 -17.66 1.15
C GLY A 152 20.66 -18.44 0.68
N ALA A 153 20.78 -18.65 -0.63
CA ALA A 153 21.96 -19.27 -1.23
C ALA A 153 23.00 -18.24 -1.63
N HIS A 154 22.61 -16.96 -1.64
CA HIS A 154 23.48 -15.92 -2.17
C HIS A 154 23.54 -14.66 -1.29
N GLY A 155 23.56 -14.88 0.02
CA GLY A 155 23.82 -13.81 0.99
C GLY A 155 22.90 -12.60 0.90
N GLY A 156 21.66 -12.82 0.49
CA GLY A 156 20.66 -11.76 0.41
C GLY A 156 20.86 -10.83 -0.79
N LEU A 157 21.75 -11.20 -1.70
CA LEU A 157 22.02 -10.37 -2.88
C LEU A 157 20.74 -10.18 -3.69
N PRO A 158 20.62 -9.03 -4.37
CA PRO A 158 19.54 -8.90 -5.35
C PRO A 158 19.76 -9.84 -6.52
N TRP A 159 18.69 -10.16 -7.24
CA TRP A 159 18.76 -11.11 -8.34
C TRP A 159 19.78 -10.73 -9.43
N ASN A 160 19.95 -9.43 -9.67
CA ASN A 160 20.87 -8.98 -10.72
C ASN A 160 22.33 -8.92 -10.27
N ARG A 161 22.62 -9.50 -9.10
CA ARG A 161 23.97 -9.74 -8.65
C ARG A 161 24.25 -11.24 -8.44
N TRP A 162 23.28 -12.10 -8.77
CA TRP A 162 23.48 -13.55 -8.67
C TRP A 162 24.35 -14.07 -9.82
N PRO A 163 24.89 -15.30 -9.68
CA PRO A 163 25.64 -15.87 -10.80
C PRO A 163 24.81 -15.91 -12.10
N LEU A 164 25.46 -15.64 -13.22
CA LEU A 164 24.76 -15.44 -14.49
C LEU A 164 23.76 -16.55 -14.86
N PRO A 165 24.13 -17.83 -14.65
CA PRO A 165 23.16 -18.87 -15.02
C PRO A 165 21.80 -18.72 -14.33
N LEU A 166 21.82 -18.26 -13.08
CA LEU A 166 20.61 -18.04 -12.32
C LEU A 166 20.00 -16.67 -12.63
N ARG A 167 20.84 -15.65 -12.73
CA ARG A 167 20.40 -14.29 -13.05
C ARG A 167 19.64 -14.28 -14.37
N LYS A 168 20.19 -14.99 -15.35
CA LYS A 168 19.64 -15.07 -16.71
C LYS A 168 18.64 -16.22 -16.88
N ARG A 169 18.31 -16.90 -15.78
CA ARG A 169 17.28 -17.93 -15.78
C ARG A 169 17.46 -19.04 -16.82
N GLU A 170 18.69 -19.54 -16.92
CA GLU A 170 18.96 -20.71 -17.74
C GLU A 170 18.14 -21.89 -17.24
N GLU A 171 17.60 -22.68 -18.16
CA GLU A 171 16.65 -23.73 -17.82
C GLU A 171 17.21 -24.76 -16.84
N LYS A 172 18.45 -25.20 -17.07
CA LYS A 172 19.09 -26.18 -16.18
C LYS A 172 19.41 -25.61 -14.80
N ALA A 173 19.96 -24.39 -14.78
CA ALA A 173 20.26 -23.71 -13.52
C ALA A 173 19.03 -23.64 -12.60
N LEU A 174 17.89 -23.23 -13.18
CA LEU A 174 16.63 -23.13 -12.41
C LEU A 174 16.12 -24.49 -11.93
N ARG A 175 16.17 -25.49 -12.79
CA ARG A 175 15.73 -26.85 -12.43
C ARG A 175 16.57 -27.41 -11.27
N GLU A 176 17.88 -27.22 -11.33
CA GLU A 176 18.78 -27.67 -10.27
C GLU A 176 18.53 -26.89 -8.95
N ALA A 177 18.34 -25.57 -9.08
CA ALA A 177 18.04 -24.72 -7.92
C ALA A 177 16.74 -25.14 -7.25
N LYS A 178 15.71 -25.37 -8.06
CA LYS A 178 14.39 -25.77 -7.56
C LYS A 178 14.46 -27.09 -6.81
N SER A 179 15.26 -28.03 -7.30
CA SER A 179 15.44 -29.31 -6.63
C SER A 179 16.26 -29.17 -5.34
N ALA A 180 17.37 -28.46 -5.40
CA ALA A 180 18.24 -28.26 -4.23
C ALA A 180 17.56 -27.46 -3.12
N LEU A 181 16.75 -26.47 -3.51
CA LEU A 181 16.08 -25.58 -2.55
C LEU A 181 14.59 -25.92 -2.39
N ALA A 182 14.22 -27.18 -2.63
CA ALA A 182 12.81 -27.59 -2.57
C ALA A 182 12.14 -27.19 -1.25
N GLU A 183 12.85 -27.38 -0.14
CA GLU A 183 12.32 -27.10 1.20
C GLU A 183 12.11 -25.59 1.45
N GLU A 184 13.10 -24.80 1.06
CA GLU A 184 13.03 -23.34 1.14
C GLU A 184 11.94 -22.79 0.22
N VAL A 185 11.84 -23.33 -0.99
CA VAL A 185 10.77 -22.96 -1.92
C VAL A 185 9.41 -23.22 -1.28
N ALA A 186 9.24 -24.43 -0.75
CA ALA A 186 8.01 -24.83 -0.08
C ALA A 186 7.68 -23.92 1.11
N PHE A 187 8.70 -23.52 1.87
CA PHE A 187 8.48 -22.62 2.99
C PHE A 187 7.88 -21.28 2.54
N HIS A 188 8.45 -20.70 1.50
CA HIS A 188 7.92 -19.42 1.00
C HIS A 188 6.50 -19.57 0.44
N ALA A 189 6.24 -20.65 -0.29
CA ALA A 189 4.88 -20.98 -0.72
C ALA A 189 3.92 -21.06 0.45
N PHE A 190 4.35 -21.69 1.54
CA PHE A 190 3.59 -21.82 2.78
C PHE A 190 3.22 -20.46 3.42
N THR A 191 4.15 -19.52 3.46
CA THR A 191 3.85 -18.18 3.96
C THR A 191 2.76 -17.54 3.11
N GLN A 192 2.79 -17.79 1.80
CA GLN A 192 1.83 -17.23 0.88
C GLN A 192 0.45 -17.84 1.05
N TRP A 193 0.40 -19.16 1.18
CA TRP A 193 -0.84 -19.87 1.49
C TRP A 193 -1.51 -19.31 2.75
N LEU A 194 -0.74 -19.17 3.81
CA LEU A 194 -1.27 -18.62 5.05
C LEU A 194 -1.73 -17.16 4.90
N PHE A 195 -0.94 -16.33 4.24
CA PHE A 195 -1.34 -14.93 4.05
C PHE A 195 -2.71 -14.84 3.36
N PHE A 196 -2.83 -15.48 2.21
CA PHE A 196 -4.02 -15.33 1.40
C PHE A 196 -5.25 -15.98 2.04
N ARG A 197 -5.02 -17.05 2.81
CA ARG A 197 -6.07 -17.66 3.61
C ARG A 197 -6.56 -16.71 4.69
N GLN A 198 -5.63 -16.11 5.44
CA GLN A 198 -6.02 -15.20 6.51
C GLN A 198 -6.60 -13.88 5.98
N TRP A 199 -6.08 -13.38 4.86
CA TRP A 199 -6.66 -12.18 4.26
C TRP A 199 -8.08 -12.45 3.77
N GLY A 200 -8.28 -13.60 3.12
CA GLY A 200 -9.60 -14.00 2.62
C GLY A 200 -10.64 -14.02 3.71
N ALA A 201 -10.27 -14.59 4.85
CA ALA A 201 -11.16 -14.65 6.01
C ALA A 201 -11.50 -13.25 6.48
N LEU A 202 -10.49 -12.39 6.54
CA LEU A 202 -10.69 -11.01 6.97
C LEU A 202 -11.56 -10.22 5.97
N LYS A 203 -11.34 -10.46 4.69
CA LYS A 203 -12.17 -9.82 3.66
C LYS A 203 -13.64 -10.26 3.77
N ALA A 204 -13.87 -11.56 4.03
CA ALA A 204 -15.23 -12.06 4.23
C ALA A 204 -15.90 -11.40 5.44
N GLU A 205 -15.13 -11.21 6.51
CA GLU A 205 -15.61 -10.53 7.71
C GLU A 205 -15.98 -9.07 7.41
N ALA A 206 -15.12 -8.37 6.66
CA ALA A 206 -15.43 -7.00 6.25
C ALA A 206 -16.76 -6.97 5.48
N GLU A 207 -16.87 -7.86 4.51
CA GLU A 207 -18.05 -7.95 3.66
C GLU A 207 -19.33 -8.24 4.47
N ALA A 208 -19.22 -9.10 5.48
CA ALA A 208 -20.36 -9.38 6.37
C ALA A 208 -20.76 -8.14 7.17
N LEU A 209 -19.80 -7.25 7.41
CA LEU A 209 -20.04 -6.00 8.16
C LEU A 209 -20.37 -4.80 7.27
N GLY A 210 -20.46 -5.01 5.96
CA GLY A 210 -20.79 -3.94 5.03
C GLY A 210 -19.64 -2.99 4.73
N ILE A 211 -18.41 -3.47 4.92
CA ILE A 211 -17.22 -2.63 4.73
C ILE A 211 -16.52 -3.05 3.45
N ARG A 212 -16.11 -2.04 2.68
CA ARG A 212 -15.30 -2.25 1.49
C ARG A 212 -13.86 -1.86 1.79
N ILE A 213 -12.92 -2.64 1.26
CA ILE A 213 -11.51 -2.42 1.51
C ILE A 213 -10.87 -1.74 0.30
N ILE A 214 -10.19 -0.63 0.59
CA ILE A 214 -9.43 0.11 -0.41
C ILE A 214 -7.96 -0.31 -0.27
N GLY A 215 -7.43 -0.91 -1.33
CA GLY A 215 -6.02 -1.27 -1.40
C GLY A 215 -5.22 -0.27 -2.22
N ASP A 216 -3.99 -0.61 -2.49
CA ASP A 216 -3.04 0.34 -3.07
C ASP A 216 -1.98 -0.46 -3.82
N MET A 217 -1.40 0.12 -4.86
CA MET A 217 -0.22 -0.46 -5.51
C MET A 217 0.63 0.63 -6.14
N PRO A 218 1.96 0.47 -6.14
CA PRO A 218 2.79 1.41 -6.85
C PRO A 218 2.68 1.15 -8.35
N ILE A 219 2.66 2.20 -9.16
CA ILE A 219 2.65 2.01 -10.61
C ILE A 219 3.89 1.22 -11.05
N PHE A 220 5.05 1.56 -10.48
CA PHE A 220 6.30 0.89 -10.83
C PHE A 220 6.62 -0.16 -9.80
N VAL A 221 7.16 -1.29 -10.25
CA VAL A 221 7.57 -2.36 -9.35
C VAL A 221 9.03 -2.13 -8.93
N ALA A 222 9.51 -2.98 -8.02
CA ALA A 222 10.85 -2.85 -7.45
C ALA A 222 11.91 -3.52 -8.31
N GLU A 223 13.10 -2.90 -8.38
CA GLU A 223 14.24 -3.48 -9.13
C GLU A 223 14.49 -4.91 -8.71
N ASP A 224 14.64 -5.12 -7.41
CA ASP A 224 14.93 -6.44 -6.86
C ASP A 224 13.62 -7.13 -6.51
N SER A 225 12.96 -7.69 -7.54
CA SER A 225 11.73 -8.43 -7.35
C SER A 225 11.64 -9.60 -8.33
N ALA A 226 10.86 -10.59 -7.93
CA ALA A 226 10.72 -11.84 -8.68
C ALA A 226 10.25 -11.62 -10.12
N GLU A 227 9.35 -10.65 -10.33
CA GLU A 227 8.77 -10.44 -11.67
C GLU A 227 9.74 -9.75 -12.62
N VAL A 228 10.61 -8.89 -12.09
CA VAL A 228 11.63 -8.24 -12.90
C VAL A 228 12.64 -9.31 -13.32
N TRP A 229 13.05 -10.12 -12.36
CA TRP A 229 13.94 -11.25 -12.60
C TRP A 229 13.38 -12.19 -13.67
N ALA A 230 12.10 -12.52 -13.57
CA ALA A 230 11.46 -13.46 -14.49
C ALA A 230 11.15 -12.83 -15.86
N HIS A 231 10.98 -11.50 -15.91
CA HIS A 231 10.61 -10.83 -17.15
C HIS A 231 11.45 -9.60 -17.42
N PRO A 232 12.78 -9.77 -17.56
CA PRO A 232 13.64 -8.61 -17.76
C PRO A 232 13.34 -7.80 -19.04
N GLU A 233 12.79 -8.48 -20.05
CA GLU A 233 12.43 -7.86 -21.35
C GLU A 233 11.42 -6.74 -21.21
N TRP A 234 10.60 -6.80 -20.15
CA TRP A 234 9.60 -5.78 -19.90
C TRP A 234 10.16 -4.49 -19.33
N PHE A 235 11.46 -4.47 -19.03
CA PHE A 235 12.08 -3.33 -18.34
C PHE A 235 13.34 -2.82 -19.04
N HIS A 236 13.67 -1.56 -18.78
CA HIS A 236 14.88 -0.96 -19.32
C HIS A 236 16.09 -1.37 -18.47
N LEU A 237 16.60 -2.57 -18.75
CA LEU A 237 17.77 -3.10 -18.05
C LEU A 237 18.93 -3.28 -19.03
N ASP A 238 20.15 -3.19 -18.52
CA ASP A 238 21.34 -3.54 -19.31
C ASP A 238 21.52 -5.05 -19.31
N GLU A 239 22.55 -5.54 -19.98
CA GLU A 239 22.79 -6.98 -20.10
C GLU A 239 23.06 -7.67 -18.76
N GLU A 240 23.49 -6.88 -17.79
CA GLU A 240 23.78 -7.38 -16.45
C GLU A 240 22.53 -7.33 -15.56
N GLY A 241 21.39 -6.90 -16.11
CA GLY A 241 20.14 -6.83 -15.37
C GLY A 241 19.95 -5.58 -14.52
N ARG A 242 20.80 -4.58 -14.74
CA ARG A 242 20.73 -3.31 -14.01
C ARG A 242 19.95 -2.26 -14.81
N PRO A 243 19.11 -1.46 -14.13
CA PRO A 243 18.40 -0.36 -14.81
C PRO A 243 19.32 0.64 -15.49
N THR A 244 19.04 0.93 -16.76
CA THR A 244 19.76 1.96 -17.52
C THR A 244 19.13 3.32 -17.27
N VAL A 245 17.82 3.30 -16.98
CA VAL A 245 17.09 4.49 -16.56
C VAL A 245 16.23 4.11 -15.36
N VAL A 246 15.82 5.10 -14.58
CA VAL A 246 15.02 4.84 -13.37
C VAL A 246 13.88 5.85 -13.21
N ALA A 247 12.91 5.45 -12.40
CA ALA A 247 11.72 6.23 -12.10
C ALA A 247 11.99 7.37 -11.11
N GLY A 248 11.16 8.39 -11.18
CA GLY A 248 11.20 9.49 -10.23
C GLY A 248 10.30 10.62 -10.67
N VAL A 249 10.43 11.76 -10.00
CA VAL A 249 9.75 12.99 -10.43
C VAL A 249 10.74 14.15 -10.46
N PRO A 250 10.61 15.05 -11.46
CA PRO A 250 11.54 16.17 -11.61
C PRO A 250 11.35 17.23 -10.55
N PRO A 251 12.30 18.19 -10.44
CA PRO A 251 12.21 19.30 -9.47
C PRO A 251 10.85 19.98 -9.50
N ASP A 252 10.41 20.44 -8.32
CA ASP A 252 9.04 20.90 -8.11
C ASP A 252 9.01 22.20 -7.31
N TYR A 253 7.81 22.74 -7.14
CA TYR A 253 7.57 23.81 -6.17
C TYR A 253 8.06 23.38 -4.78
N PHE A 254 7.81 22.11 -4.45
CA PHE A 254 8.19 21.54 -3.16
C PHE A 254 9.63 21.03 -3.15
N SER A 255 9.95 20.08 -4.02
CA SER A 255 11.29 19.48 -4.04
C SER A 255 12.25 20.20 -4.97
N GLU A 256 13.44 20.50 -4.45
CA GLU A 256 14.45 21.29 -5.17
C GLU A 256 15.17 20.48 -6.25
N THR A 257 15.50 19.23 -5.93
CA THR A 257 16.15 18.31 -6.86
C THR A 257 15.19 17.22 -7.38
N GLY A 258 13.95 17.24 -6.90
CA GLY A 258 12.98 16.19 -7.22
C GLY A 258 13.25 14.93 -6.43
N GLN A 259 12.66 13.82 -6.86
CA GLN A 259 12.81 12.53 -6.19
C GLN A 259 13.32 11.48 -7.18
N ARG A 260 14.42 10.82 -6.85
CA ARG A 260 14.92 9.73 -7.66
C ARG A 260 14.50 8.43 -6.97
N TRP A 261 13.37 7.87 -7.40
CA TRP A 261 12.82 6.66 -6.77
C TRP A 261 13.69 5.44 -7.03
N GLY A 262 14.22 5.32 -8.23
CA GLY A 262 15.13 4.22 -8.57
C GLY A 262 14.47 2.96 -9.16
N ASN A 263 13.13 2.96 -9.23
CA ASN A 263 12.43 1.80 -9.79
C ASN A 263 12.79 1.59 -11.24
N PRO A 264 12.82 0.31 -11.67
CA PRO A 264 12.98 0.08 -13.10
C PRO A 264 11.77 0.62 -13.87
N LEU A 265 11.99 1.02 -15.11
CA LEU A 265 10.94 1.57 -15.95
C LEU A 265 10.48 0.54 -16.96
N TYR A 266 9.18 0.50 -17.21
CA TYR A 266 8.60 -0.43 -18.17
C TYR A 266 9.01 -0.05 -19.59
N ARG A 267 9.25 -1.06 -20.41
CA ARG A 267 9.25 -0.90 -21.87
C ARG A 267 7.80 -1.07 -22.31
N TRP A 268 7.06 0.03 -22.37
CA TRP A 268 5.62 -0.04 -22.61
C TRP A 268 5.26 -0.63 -23.96
N ASP A 269 6.11 -0.38 -24.96
CA ASP A 269 5.97 -1.02 -26.28
C ASP A 269 5.95 -2.55 -26.14
N VAL A 270 6.85 -3.08 -25.31
CA VAL A 270 6.93 -4.51 -25.08
C VAL A 270 5.68 -5.01 -24.34
N LEU A 271 5.24 -4.29 -23.31
CA LEU A 271 4.02 -4.69 -22.59
C LEU A 271 2.79 -4.69 -23.51
N GLU A 272 2.71 -3.69 -24.39
CA GLU A 272 1.60 -3.58 -25.34
C GLU A 272 1.59 -4.78 -26.30
N ARG A 273 2.75 -5.07 -26.90
CA ARG A 273 2.87 -6.21 -27.81
C ARG A 273 2.51 -7.53 -27.12
N GLU A 274 2.76 -7.59 -25.82
CA GLU A 274 2.48 -8.76 -25.04
C GLU A 274 1.01 -8.76 -24.52
N GLY A 275 0.26 -7.70 -24.80
CA GLY A 275 -1.16 -7.63 -24.47
C GLY A 275 -1.45 -7.12 -23.08
N PHE A 276 -0.45 -6.47 -22.44
CA PHE A 276 -0.58 -5.92 -21.08
C PHE A 276 -0.94 -6.95 -20.00
N SER A 277 -0.57 -8.22 -20.23
CA SER A 277 -0.96 -9.30 -19.30
C SER A 277 -0.52 -9.03 -17.88
N PHE A 278 0.64 -8.41 -17.71
CA PHE A 278 1.12 -8.06 -16.38
C PHE A 278 0.12 -7.20 -15.62
N TRP A 279 -0.44 -6.20 -16.30
CA TRP A 279 -1.40 -5.28 -15.70
C TRP A 279 -2.75 -5.94 -15.42
N ILE A 280 -3.20 -6.79 -16.33
CA ILE A 280 -4.44 -7.54 -16.13
C ILE A 280 -4.29 -8.44 -14.91
N ARG A 281 -3.20 -9.20 -14.84
CA ARG A 281 -2.96 -10.07 -13.68
C ARG A 281 -2.86 -9.27 -12.36
N ARG A 282 -2.15 -8.15 -12.38
CA ARG A 282 -2.00 -7.30 -11.18
C ARG A 282 -3.33 -6.83 -10.65
N LEU A 283 -4.19 -6.36 -11.56
CA LEU A 283 -5.49 -5.85 -11.16
C LEU A 283 -6.39 -7.02 -10.69
N GLU A 284 -6.31 -8.16 -11.37
CA GLU A 284 -7.04 -9.34 -10.91
C GLU A 284 -6.67 -9.67 -9.48
N LYS A 285 -5.37 -9.75 -9.22
CA LYS A 285 -4.86 -10.06 -7.89
C LYS A 285 -5.31 -9.00 -6.89
N ALA A 286 -5.23 -7.73 -7.26
CA ALA A 286 -5.71 -6.65 -6.39
C ALA A 286 -7.18 -6.86 -6.02
N LEU A 287 -7.99 -7.20 -7.02
CA LEU A 287 -9.42 -7.35 -6.80
C LEU A 287 -9.82 -8.63 -6.07
N GLU A 288 -8.88 -9.59 -5.94
CA GLU A 288 -9.08 -10.70 -5.01
C GLU A 288 -9.02 -10.23 -3.57
N LEU A 289 -8.22 -9.20 -3.31
CA LEU A 289 -8.00 -8.71 -1.95
C LEU A 289 -8.84 -7.49 -1.57
N PHE A 290 -9.12 -6.64 -2.54
CA PHE A 290 -9.71 -5.32 -2.30
C PHE A 290 -10.96 -5.14 -3.16
N HIS A 291 -11.80 -4.19 -2.75
CA HIS A 291 -12.97 -3.81 -3.52
C HIS A 291 -12.65 -2.67 -4.49
N LEU A 292 -11.74 -1.78 -4.08
CA LEU A 292 -11.14 -0.81 -5.00
C LEU A 292 -9.65 -0.69 -4.72
N VAL A 293 -8.91 -0.23 -5.72
CA VAL A 293 -7.48 -0.14 -5.57
C VAL A 293 -6.97 1.19 -6.08
N ARG A 294 -6.22 1.89 -5.22
N ARG A 294 -6.20 1.85 -5.23
CA ARG A 294 -5.52 3.08 -5.62
CA ARG A 294 -5.54 3.08 -5.62
C ARG A 294 -4.25 2.70 -6.36
C ARG A 294 -4.22 2.73 -6.32
N ILE A 295 -3.90 3.46 -7.39
CA ILE A 295 -2.61 3.33 -8.04
C ILE A 295 -1.82 4.61 -7.79
N ASP A 296 -0.72 4.45 -7.06
CA ASP A 296 0.22 5.53 -6.76
C ASP A 296 0.94 5.97 -8.01
N HIS A 297 1.02 7.30 -8.19
CA HIS A 297 1.63 7.93 -9.37
C HIS A 297 0.87 7.55 -10.64
N PHE A 298 -0.44 7.74 -10.58
CA PHE A 298 -1.32 7.44 -11.69
C PHE A 298 -0.90 8.18 -12.97
N ARG A 299 -0.32 9.37 -12.83
CA ARG A 299 0.10 10.17 -13.99
C ARG A 299 1.10 9.43 -14.86
N GLY A 300 1.85 8.51 -14.26
CA GLY A 300 2.78 7.67 -14.99
C GLY A 300 2.18 6.82 -16.11
N PHE A 301 0.86 6.65 -16.10
CA PHE A 301 0.18 5.95 -17.20
C PHE A 301 0.12 6.82 -18.46
N GLU A 302 0.16 8.15 -18.29
CA GLU A 302 0.14 9.09 -19.42
C GLU A 302 1.56 9.47 -19.85
N ALA A 303 2.41 9.75 -18.88
CA ALA A 303 3.82 10.04 -19.14
C ALA A 303 4.63 9.86 -17.87
N TYR A 304 5.88 9.47 -18.02
CA TYR A 304 6.77 9.31 -16.89
C TYR A 304 8.11 10.02 -17.08
N TRP A 305 8.67 10.49 -15.97
CA TRP A 305 9.99 11.09 -15.93
C TRP A 305 11.07 10.00 -15.93
N GLU A 306 11.82 9.93 -17.03
CA GLU A 306 12.91 8.99 -17.20
C GLU A 306 14.23 9.59 -16.71
N ILE A 307 14.79 9.05 -15.62
CA ILE A 307 16.06 9.53 -15.09
C ILE A 307 17.20 8.61 -15.53
N PRO A 308 18.28 9.16 -16.12
CA PRO A 308 19.42 8.30 -16.44
C PRO A 308 19.98 7.68 -15.16
N ALA A 309 20.25 6.37 -15.18
CA ALA A 309 20.70 5.66 -13.97
C ALA A 309 21.98 6.26 -13.36
N SER A 310 22.82 6.88 -14.19
CA SER A 310 24.09 7.47 -13.74
C SER A 310 23.89 8.75 -12.93
N CYS A 311 22.72 9.36 -13.07
CA CYS A 311 22.38 10.59 -12.35
C CYS A 311 21.99 10.29 -10.89
N PRO A 312 22.62 10.99 -9.94
CA PRO A 312 22.34 10.76 -8.51
C PRO A 312 21.07 11.48 -8.01
N THR A 313 20.53 12.39 -8.83
CA THR A 313 19.30 13.09 -8.49
C THR A 313 18.26 12.92 -9.59
N ALA A 314 17.14 13.62 -9.48
CA ALA A 314 16.08 13.59 -10.48
C ALA A 314 16.07 14.84 -11.37
N VAL A 315 17.14 15.63 -11.31
CA VAL A 315 17.19 16.89 -12.07
C VAL A 315 17.31 16.62 -13.57
N GLU A 316 18.14 15.65 -13.93
CA GLU A 316 18.35 15.29 -15.34
C GLU A 316 17.37 14.19 -15.75
N GLY A 317 16.82 14.33 -16.95
CA GLY A 317 15.89 13.34 -17.49
C GLY A 317 15.02 13.90 -18.60
N ARG A 318 13.91 13.21 -18.85
CA ARG A 318 12.95 13.61 -19.88
C ARG A 318 11.62 12.91 -19.65
N TRP A 319 10.54 13.55 -20.09
CA TRP A 319 9.22 12.93 -20.07
C TRP A 319 9.08 12.01 -21.26
N VAL A 320 8.55 10.80 -21.00
CA VAL A 320 8.30 9.81 -22.04
C VAL A 320 6.83 9.42 -21.93
N LYS A 321 6.13 9.44 -23.06
CA LYS A 321 4.70 9.13 -23.07
C LYS A 321 4.50 7.63 -22.90
N ALA A 322 3.40 7.28 -22.24
CA ALA A 322 3.03 5.89 -22.01
C ALA A 322 1.62 5.67 -22.58
N PRO A 323 1.29 4.42 -22.94
CA PRO A 323 0.00 4.16 -23.59
C PRO A 323 -1.15 3.96 -22.59
N GLY A 324 -1.37 4.94 -21.72
CA GLY A 324 -2.40 4.84 -20.67
C GLY A 324 -3.81 4.65 -21.23
N GLU A 325 -4.11 5.38 -22.29
CA GLU A 325 -5.40 5.30 -22.94
C GLU A 325 -5.69 3.89 -23.47
N LYS A 326 -4.72 3.31 -24.18
CA LYS A 326 -4.83 1.91 -24.65
C LYS A 326 -4.95 0.91 -23.50
N LEU A 327 -4.11 1.07 -22.48
CA LEU A 327 -4.15 0.17 -21.32
C LEU A 327 -5.52 0.16 -20.67
N PHE A 328 -6.05 1.34 -20.39
CA PHE A 328 -7.31 1.41 -19.66
C PHE A 328 -8.53 1.03 -20.51
N GLN A 329 -8.44 1.23 -21.83
CA GLN A 329 -9.47 0.68 -22.73
C GLN A 329 -9.50 -0.84 -22.61
N LYS A 330 -8.33 -1.45 -22.61
CA LYS A 330 -8.24 -2.90 -22.48
C LYS A 330 -8.79 -3.36 -21.13
N ILE A 331 -8.41 -2.68 -20.05
CA ILE A 331 -8.95 -2.98 -18.72
C ILE A 331 -10.49 -2.90 -18.67
N GLN A 332 -11.04 -1.79 -19.11
CA GLN A 332 -12.50 -1.62 -19.14
C GLN A 332 -13.18 -2.74 -19.93
N GLU A 333 -12.61 -3.08 -21.08
CA GLU A 333 -13.16 -4.12 -21.95
C GLU A 333 -13.20 -5.48 -21.26
N VAL A 334 -12.13 -5.80 -20.55
CA VAL A 334 -11.86 -7.14 -20.07
C VAL A 334 -12.37 -7.34 -18.63
N PHE A 335 -12.42 -6.26 -17.83
CA PHE A 335 -13.01 -6.29 -16.48
C PHE A 335 -14.48 -5.81 -16.45
N GLY A 336 -14.86 -4.99 -17.42
CA GLY A 336 -16.22 -4.43 -17.46
C GLY A 336 -16.39 -3.22 -16.56
N GLU A 337 -15.32 -2.80 -15.92
CA GLU A 337 -15.29 -1.63 -15.06
C GLU A 337 -13.83 -1.39 -14.70
N VAL A 338 -13.54 -0.23 -14.14
CA VAL A 338 -12.19 0.09 -13.70
C VAL A 338 -12.33 0.53 -12.23
N PRO A 339 -12.15 -0.41 -11.30
CA PRO A 339 -12.29 -0.12 -9.88
C PRO A 339 -11.00 0.47 -9.30
N VAL A 340 -10.51 1.53 -9.95
CA VAL A 340 -9.23 2.16 -9.62
C VAL A 340 -9.48 3.56 -9.07
N LEU A 341 -8.72 3.91 -8.05
CA LEU A 341 -8.64 5.27 -7.54
C LEU A 341 -7.34 5.87 -8.06
N ALA A 342 -7.40 7.08 -8.59
CA ALA A 342 -6.21 7.71 -9.16
C ALA A 342 -5.51 8.53 -8.07
N GLU A 343 -4.27 8.18 -7.76
CA GLU A 343 -3.40 9.05 -6.97
C GLU A 343 -2.95 10.17 -7.90
N ASP A 344 -3.57 11.32 -7.76
CA ASP A 344 -3.34 12.44 -8.67
C ASP A 344 -2.89 13.70 -7.92
N LEU A 345 -2.02 13.51 -6.94
CA LEU A 345 -1.45 14.63 -6.20
C LEU A 345 -0.23 15.15 -6.96
N GLY A 346 0.41 16.17 -6.44
CA GLY A 346 1.56 16.76 -7.11
C GLY A 346 1.17 17.49 -8.38
N VAL A 347 2.11 17.55 -9.34
CA VAL A 347 1.91 18.31 -10.57
C VAL A 347 1.20 17.45 -11.61
N ILE A 348 -0.01 17.84 -11.96
CA ILE A 348 -0.85 17.10 -12.89
C ILE A 348 -1.22 18.00 -14.08
N THR A 349 -1.25 17.39 -15.27
CA THR A 349 -1.54 18.08 -16.51
C THR A 349 -2.96 17.77 -17.00
N PRO A 350 -3.46 18.55 -17.99
CA PRO A 350 -4.73 18.25 -18.63
C PRO A 350 -4.82 16.85 -19.24
N GLU A 351 -3.70 16.34 -19.77
CA GLU A 351 -3.68 15.00 -20.36
C GLU A 351 -3.93 13.92 -19.29
N VAL A 352 -3.40 14.12 -18.10
CA VAL A 352 -3.58 13.19 -17.00
C VAL A 352 -5.03 13.24 -16.50
N GLU A 353 -5.53 14.46 -16.31
CA GLU A 353 -6.91 14.67 -15.88
C GLU A 353 -7.91 14.02 -16.84
N ALA A 354 -7.65 14.12 -18.13
CA ALA A 354 -8.54 13.56 -19.16
C ALA A 354 -8.58 12.04 -19.11
N LEU A 355 -7.41 11.40 -18.96
CA LEU A 355 -7.33 9.96 -18.79
C LEU A 355 -8.13 9.52 -17.56
N ARG A 356 -7.90 10.20 -16.45
CA ARG A 356 -8.61 9.91 -15.21
C ARG A 356 -10.12 10.01 -15.41
N ASP A 357 -10.56 11.10 -16.04
CA ASP A 357 -11.97 11.38 -16.21
C ASP A 357 -12.65 10.54 -17.28
N ARG A 358 -11.92 10.20 -18.34
CA ARG A 358 -12.45 9.29 -19.37
C ARG A 358 -12.98 8.00 -18.77
N PHE A 359 -12.25 7.45 -17.79
CA PHE A 359 -12.61 6.17 -17.19
C PHE A 359 -13.33 6.29 -15.84
N GLY A 360 -13.69 7.52 -15.50
CA GLY A 360 -14.50 7.79 -14.30
C GLY A 360 -13.78 7.47 -13.02
N LEU A 361 -12.46 7.60 -13.01
CA LEU A 361 -11.67 7.24 -11.82
C LEU A 361 -11.72 8.40 -10.83
N PRO A 362 -12.10 8.11 -9.57
CA PRO A 362 -12.02 9.13 -8.54
C PRO A 362 -10.58 9.53 -8.24
N GLY A 363 -10.34 10.82 -8.13
CA GLY A 363 -9.06 11.35 -7.69
C GLY A 363 -9.05 11.60 -6.19
N MET A 364 -8.01 12.29 -5.75
CA MET A 364 -7.77 12.53 -4.32
C MET A 364 -7.73 14.01 -4.02
N LYS A 365 -8.01 14.33 -2.76
CA LYS A 365 -7.85 15.68 -2.24
C LYS A 365 -7.26 15.55 -0.85
N VAL A 366 -6.27 16.38 -0.55
CA VAL A 366 -5.58 16.36 0.76
C VAL A 366 -5.67 17.73 1.41
N LEU A 367 -6.37 17.81 2.55
CA LEU A 367 -6.65 19.09 3.19
C LEU A 367 -5.42 19.79 3.73
N GLN A 368 -4.39 19.04 4.15
CA GLN A 368 -3.13 19.66 4.59
C GLN A 368 -2.50 20.54 3.50
N PHE A 369 -2.83 20.27 2.22
CA PHE A 369 -2.30 21.06 1.11
C PHE A 369 -3.15 22.27 0.72
N ALA A 370 -4.28 22.50 1.40
CA ALA A 370 -5.30 23.42 0.90
C ALA A 370 -5.17 24.87 1.32
N PHE A 371 -4.27 25.16 2.27
CA PHE A 371 -4.31 26.44 2.97
C PHE A 371 -3.09 27.35 2.76
N ASP A 372 -2.16 26.94 1.90
CA ASP A 372 -0.90 27.67 1.71
C ASP A 372 -1.12 28.72 0.63
N SUI A 373 -2.22 28.93 -0.13
CA SUI A 373 -2.38 29.97 -1.24
CB SUI A 373 -2.59 29.35 -2.60
CG SUI A 373 -3.90 29.96 -3.03
OD SUI A 373 -4.43 29.68 -4.10
C1 SUI A 373 -3.57 30.84 -0.99
O1 SUI A 373 -3.76 31.44 0.06
N2 SUI A 373 -4.36 30.79 -2.08
C2A SUI A 373 -5.54 31.36 -2.10
C SUI A 373 -6.82 30.60 -2.15
O SUI A 373 -6.78 29.35 -2.01
N MET A 374 -7.91 31.23 -2.57
CA MET A 374 -9.18 30.53 -2.65
C MET A 374 -9.29 29.62 -3.88
N GLU A 375 -8.35 29.74 -4.83
CA GLU A 375 -8.33 28.89 -6.04
C GLU A 375 -7.62 27.53 -5.81
N ASN A 376 -7.08 27.32 -4.62
CA ASN A 376 -6.43 26.06 -4.29
C ASN A 376 -7.39 24.87 -4.51
N PRO A 377 -7.01 23.93 -5.40
CA PRO A 377 -7.92 22.82 -5.72
C PRO A 377 -8.27 21.88 -4.55
N PHE A 378 -7.52 21.97 -3.46
CA PHE A 378 -7.73 21.11 -2.31
C PHE A 378 -8.73 21.69 -1.34
N LEU A 379 -9.17 22.93 -1.60
CA LEU A 379 -10.27 23.53 -0.84
C LEU A 379 -11.61 22.96 -1.32
N PRO A 380 -12.47 22.50 -0.38
CA PRO A 380 -13.73 21.83 -0.69
C PRO A 380 -14.65 22.53 -1.69
N HIS A 381 -14.71 23.86 -1.67
CA HIS A 381 -15.56 24.58 -2.61
C HIS A 381 -15.07 24.45 -4.07
N ASN A 382 -13.83 23.99 -4.27
CA ASN A 382 -13.29 23.75 -5.61
C ASN A 382 -13.37 22.31 -6.10
N TYR A 383 -13.96 21.40 -5.31
CA TYR A 383 -14.06 19.99 -5.68
C TYR A 383 -15.07 19.82 -6.81
N PRO A 384 -14.98 18.70 -7.57
CA PRO A 384 -15.91 18.52 -8.69
C PRO A 384 -17.36 18.47 -8.21
N ALA A 385 -18.27 19.04 -9.01
CA ALA A 385 -19.69 19.08 -8.68
C ALA A 385 -20.24 17.68 -8.39
N HIS A 386 -19.78 16.71 -9.17
CA HIS A 386 -20.14 15.31 -8.98
C HIS A 386 -19.58 14.67 -7.70
N GLY A 387 -18.49 15.23 -7.18
CA GLY A 387 -17.92 14.77 -5.92
C GLY A 387 -17.23 13.42 -6.01
N ARG A 388 -16.89 12.97 -7.21
CA ARG A 388 -16.16 11.71 -7.39
C ARG A 388 -14.70 11.94 -7.08
N VAL A 389 -14.44 12.19 -5.79
CA VAL A 389 -13.11 12.32 -5.24
C VAL A 389 -13.11 11.75 -3.82
N VAL A 390 -11.92 11.41 -3.35
CA VAL A 390 -11.71 10.99 -1.98
C VAL A 390 -10.91 12.06 -1.26
N VAL A 391 -11.46 12.59 -0.16
CA VAL A 391 -10.79 13.61 0.62
C VAL A 391 -10.13 12.98 1.84
N TYR A 392 -8.89 13.39 2.10
CA TYR A 392 -8.11 13.02 3.28
C TYR A 392 -7.69 14.29 4.00
N THR A 393 -7.49 14.19 5.30
CA THR A 393 -6.75 15.22 6.04
C THR A 393 -5.31 15.13 5.58
N GLY A 394 -4.71 13.96 5.76
CA GLY A 394 -3.42 13.64 5.17
C GLY A 394 -3.39 12.16 4.81
N THR A 395 -2.42 11.78 3.98
CA THR A 395 -2.16 10.36 3.71
C THR A 395 -1.01 9.87 4.61
N HIS A 396 -0.63 8.61 4.40
CA HIS A 396 0.51 7.99 5.11
C HIS A 396 1.84 8.70 4.83
N ASP A 397 1.90 9.46 3.73
CA ASP A 397 3.07 10.24 3.35
C ASP A 397 3.14 11.61 4.04
N ASN A 398 2.05 12.04 4.67
CA ASN A 398 2.01 13.33 5.34
C ASN A 398 2.25 13.13 6.83
N ASP A 399 2.55 14.22 7.51
CA ASP A 399 2.60 14.18 8.96
C ASP A 399 1.17 13.97 9.44
N THR A 400 1.00 13.64 10.71
CA THR A 400 -0.31 13.70 11.30
C THR A 400 -0.79 15.15 11.17
N THR A 401 -2.09 15.36 11.25
CA THR A 401 -2.61 16.70 11.06
C THR A 401 -2.20 17.64 12.20
N LEU A 402 -2.12 17.13 13.42
CA LEU A 402 -1.58 17.92 14.52
C LEU A 402 -0.10 18.23 14.32
N GLY A 403 0.67 17.26 13.82
CA GLY A 403 2.09 17.47 13.51
C GLY A 403 2.29 18.52 12.45
N TRP A 404 1.47 18.43 11.38
CA TRP A 404 1.46 19.39 10.29
C TRP A 404 1.08 20.80 10.76
N TYR A 405 0.04 20.91 11.57
CA TYR A 405 -0.39 22.21 12.07
C TYR A 405 0.71 22.90 12.89
N ARG A 406 1.38 22.14 13.74
CA ARG A 406 2.45 22.64 14.60
C ARG A 406 3.65 23.21 13.82
N THR A 407 3.84 22.77 12.58
CA THR A 407 4.90 23.31 11.74
C THR A 407 4.40 24.17 10.56
N ALA A 408 3.08 24.42 10.50
CA ALA A 408 2.51 25.16 9.39
C ALA A 408 2.88 26.65 9.50
N THR A 409 2.92 27.34 8.36
CA THR A 409 3.26 28.75 8.32
C THR A 409 2.13 29.60 8.94
N PRO A 410 2.49 30.79 9.45
CA PRO A 410 1.47 31.73 9.93
C PRO A 410 0.31 31.97 8.95
N HIS A 411 0.60 32.17 7.67
CA HIS A 411 -0.46 32.42 6.69
C HIS A 411 -1.38 31.22 6.49
N GLU A 412 -0.82 30.01 6.54
CA GLU A 412 -1.60 28.77 6.49
C GLU A 412 -2.56 28.63 7.65
N LYS A 413 -2.05 28.86 8.84
CA LYS A 413 -2.83 28.72 10.06
C LYS A 413 -3.98 29.71 10.09
N ALA A 414 -3.70 30.95 9.71
CA ALA A 414 -4.71 32.02 9.69
C ALA A 414 -5.76 31.77 8.63
N PHE A 415 -5.32 31.36 7.44
CA PHE A 415 -6.28 31.08 6.37
C PHE A 415 -7.14 29.87 6.71
N MET A 416 -6.51 28.81 7.22
CA MET A 416 -7.25 27.62 7.67
C MET A 416 -8.35 27.96 8.66
N ALA A 417 -8.02 28.75 9.69
CA ALA A 417 -9.01 29.15 10.70
C ALA A 417 -10.20 29.90 10.08
N ARG A 418 -9.92 30.82 9.17
CA ARG A 418 -10.98 31.61 8.52
C ARG A 418 -11.80 30.75 7.57
N TYR A 419 -11.14 29.89 6.81
CA TYR A 419 -11.85 29.04 5.87
C TYR A 419 -12.77 28.09 6.64
N LEU A 420 -12.25 27.50 7.71
CA LEU A 420 -13.08 26.66 8.56
C LEU A 420 -14.30 27.42 9.10
N ALA A 421 -14.08 28.65 9.59
CA ALA A 421 -15.18 29.50 10.06
C ALA A 421 -16.24 29.77 8.98
N ASP A 422 -15.81 29.90 7.73
CA ASP A 422 -16.74 30.08 6.60
C ASP A 422 -17.66 28.88 6.45
N TRP A 423 -17.20 27.71 6.90
CA TRP A 423 -17.99 26.47 6.89
C TRP A 423 -18.66 26.19 8.24
N GLY A 424 -18.58 27.16 9.16
CA GLY A 424 -19.20 27.03 10.49
C GLY A 424 -18.39 26.27 11.51
N ILE A 425 -17.15 25.91 11.15
CA ILE A 425 -16.29 25.10 12.00
C ILE A 425 -15.30 25.98 12.77
N THR A 426 -15.28 25.80 14.08
CA THR A 426 -14.38 26.57 14.95
C THR A 426 -13.69 25.62 15.91
N PHE A 427 -12.59 26.09 16.48
CA PHE A 427 -11.81 25.29 17.44
C PHE A 427 -11.07 26.24 18.39
N ARG A 428 -10.69 25.74 19.56
CA ARG A 428 -10.05 26.56 20.61
C ARG A 428 -8.58 26.23 20.79
N GLU A 429 -8.21 24.96 20.65
CA GLU A 429 -6.83 24.50 20.87
C GLU A 429 -6.29 23.76 19.64
N GLU A 430 -4.97 23.73 19.50
CA GLU A 430 -4.36 23.10 18.34
C GLU A 430 -4.65 21.59 18.24
N GLU A 431 -4.80 20.93 19.39
CA GLU A 431 -5.14 19.51 19.43
C GLU A 431 -6.52 19.23 18.83
N GLU A 432 -7.36 20.26 18.71
CA GLU A 432 -8.67 20.15 18.06
C GLU A 432 -8.62 20.30 16.54
N VAL A 433 -7.47 20.67 15.98
CA VAL A 433 -7.40 20.92 14.54
C VAL A 433 -7.66 19.66 13.67
N PRO A 434 -7.09 18.49 14.04
CA PRO A 434 -7.41 17.26 13.30
C PRO A 434 -8.93 17.00 13.13
N TRP A 435 -9.69 17.10 14.20
CA TRP A 435 -11.14 16.90 14.15
C TRP A 435 -11.86 18.04 13.40
N ALA A 436 -11.34 19.26 13.50
CA ALA A 436 -11.92 20.37 12.73
C ALA A 436 -11.78 20.12 11.22
N LEU A 437 -10.60 19.66 10.80
CA LEU A 437 -10.38 19.34 9.40
C LEU A 437 -11.13 18.10 8.93
N MET A 438 -11.24 17.08 9.78
CA MET A 438 -12.08 15.93 9.47
C MET A 438 -13.53 16.36 9.26
N HIS A 439 -14.00 17.27 10.10
CA HIS A 439 -15.36 17.82 9.95
C HIS A 439 -15.52 18.54 8.62
N LEU A 440 -14.56 19.39 8.28
CA LEU A 440 -14.55 20.06 6.98
C LEU A 440 -14.64 19.09 5.81
N GLY A 441 -13.79 18.06 5.82
CA GLY A 441 -13.83 17.04 4.78
C GLY A 441 -15.18 16.34 4.72
N MET A 442 -15.77 16.04 5.87
CA MET A 442 -17.10 15.40 5.89
C MET A 442 -18.22 16.33 5.37
N LYS A 443 -18.09 17.65 5.57
CA LYS A 443 -19.10 18.60 5.09
C LYS A 443 -19.05 18.79 3.58
N SER A 444 -17.91 18.47 2.98
CA SER A 444 -17.68 18.70 1.56
C SER A 444 -18.50 17.78 0.67
N VAL A 445 -18.42 18.03 -0.64
CA VAL A 445 -19.12 17.23 -1.62
C VAL A 445 -18.41 15.89 -1.94
N ALA A 446 -17.19 15.71 -1.44
CA ALA A 446 -16.44 14.48 -1.70
C ALA A 446 -17.27 13.29 -1.31
N ARG A 447 -17.45 12.36 -2.24
CA ARG A 447 -18.22 11.14 -1.97
C ARG A 447 -17.65 10.37 -0.80
N LEU A 448 -16.33 10.22 -0.76
CA LEU A 448 -15.66 9.51 0.32
C LEU A 448 -14.71 10.42 1.07
N ALA A 449 -14.84 10.41 2.39
CA ALA A 449 -13.87 11.02 3.30
C ALA A 449 -13.18 9.91 4.06
N VAL A 450 -11.86 9.85 3.97
CA VAL A 450 -11.09 8.75 4.57
C VAL A 450 -9.98 9.38 5.41
N TYR A 451 -9.90 9.01 6.69
CA TYR A 451 -8.96 9.66 7.58
C TYR A 451 -7.98 8.67 8.21
N PRO A 452 -6.70 9.07 8.31
CA PRO A 452 -5.76 8.23 9.05
C PRO A 452 -6.20 8.15 10.50
N VAL A 453 -5.99 6.98 11.11
CA VAL A 453 -6.42 6.78 12.50
C VAL A 453 -5.64 7.68 13.48
N GLN A 454 -4.41 8.06 13.12
CA GLN A 454 -3.62 9.00 13.94
C GLN A 454 -4.34 10.34 14.13
N ASP A 455 -5.14 10.74 13.15
CA ASP A 455 -5.91 11.99 13.23
C ASP A 455 -7.17 11.83 14.06
N VAL A 456 -7.79 10.65 13.99
CA VAL A 456 -8.87 10.32 14.92
C VAL A 456 -8.38 10.48 16.37
N LEU A 457 -7.14 10.04 16.61
CA LEU A 457 -6.54 10.11 17.94
C LEU A 457 -5.86 11.45 18.22
N ALA A 458 -5.80 12.32 17.22
CA ALA A 458 -5.14 13.62 17.34
C ALA A 458 -3.70 13.49 17.84
N LEU A 459 -2.94 12.57 17.24
CA LEU A 459 -1.54 12.35 17.64
C LEU A 459 -0.65 13.32 16.91
N GLY A 460 0.48 13.64 17.55
CA GLY A 460 1.52 14.47 16.97
C GLY A 460 2.46 13.70 16.06
N SER A 461 3.55 14.36 15.71
CA SER A 461 4.48 13.91 14.67
C SER A 461 5.14 12.56 14.93
N GLU A 462 5.23 12.16 16.20
CA GLU A 462 5.76 10.85 16.55
C GLU A 462 4.96 9.69 15.94
N ALA A 463 3.70 9.94 15.57
CA ALA A 463 2.83 8.91 14.98
C ALA A 463 2.77 8.97 13.45
N ARG A 464 3.61 9.80 12.84
CA ARG A 464 3.69 9.90 11.39
C ARG A 464 4.08 8.55 10.82
N MET A 465 3.38 8.10 9.78
CA MET A 465 3.63 6.79 9.21
C MET A 465 4.88 6.79 8.34
N ASN A 466 4.95 7.74 7.41
CA ASN A 466 6.09 7.87 6.53
C ASN A 466 6.49 9.32 6.31
N TYR A 467 7.79 9.56 6.30
CA TYR A 467 8.37 10.86 5.98
C TYR A 467 9.23 10.65 4.72
N PRO A 468 8.70 11.00 3.54
CA PRO A 468 9.41 10.72 2.29
C PRO A 468 10.81 11.30 2.26
N GLY A 469 11.74 10.58 1.63
CA GLY A 469 13.14 10.99 1.58
C GLY A 469 13.93 10.33 2.69
N ARG A 470 13.48 10.47 3.93
N ARG A 470 13.49 10.48 3.93
CA ARG A 470 14.08 9.77 5.06
CA ARG A 470 14.13 9.81 5.06
C ARG A 470 14.02 8.27 4.81
C ARG A 470 14.04 8.29 4.90
N PRO A 471 15.20 7.61 4.71
CA PRO A 471 15.19 6.17 4.46
C PRO A 471 14.84 5.30 5.69
N SER A 472 14.89 5.87 6.91
CA SER A 472 14.64 5.13 8.16
C SER A 472 13.58 5.73 9.12
N GLY A 473 13.04 4.90 10.01
CA GLY A 473 12.04 5.31 11.00
C GLY A 473 10.58 5.22 10.54
N ASN A 474 10.37 4.74 9.32
CA ASN A 474 9.05 4.78 8.70
C ASN A 474 8.27 3.47 8.83
N TRP A 475 6.96 3.56 8.59
CA TRP A 475 6.06 2.40 8.53
C TRP A 475 5.92 1.68 9.86
N ALA A 476 6.23 2.37 10.94
CA ALA A 476 6.39 1.74 12.24
C ALA A 476 5.29 2.06 13.25
N TRP A 477 4.45 3.06 13.01
CA TRP A 477 3.45 3.45 14.01
C TRP A 477 2.46 2.31 14.25
N ARG A 478 2.15 2.07 15.52
CA ARG A 478 1.09 1.13 15.91
C ARG A 478 0.14 1.72 16.95
N LEU A 479 -1.12 1.31 16.87
CA LEU A 479 -2.09 1.52 17.94
C LEU A 479 -1.68 0.77 19.20
N LEU A 480 -2.06 1.32 20.36
CA LEU A 480 -1.98 0.60 21.62
C LEU A 480 -3.33 -0.09 21.85
N PRO A 481 -3.35 -1.17 22.65
CA PRO A 481 -4.62 -1.82 22.94
C PRO A 481 -5.60 -0.85 23.59
N GLY A 482 -6.81 -0.76 23.05
CA GLY A 482 -7.85 0.11 23.62
C GLY A 482 -7.69 1.60 23.32
N GLU A 483 -6.67 1.98 22.55
CA GLU A 483 -6.42 3.39 22.27
C GLU A 483 -7.55 4.00 21.45
N LEU A 484 -7.97 3.29 20.41
CA LEU A 484 -9.12 3.68 19.61
C LEU A 484 -10.36 3.22 20.37
N SER A 485 -10.99 4.14 21.09
CA SER A 485 -12.01 3.82 22.08
C SER A 485 -13.43 3.88 21.50
N PRO A 486 -14.41 3.31 22.23
CA PRO A 486 -15.83 3.49 21.86
C PRO A 486 -16.26 4.95 21.71
N GLU A 487 -15.69 5.86 22.49
CA GLU A 487 -16.03 7.27 22.38
C GLU A 487 -15.53 7.87 21.07
N HIS A 488 -14.35 7.42 20.61
CA HIS A 488 -13.87 7.81 19.28
C HIS A 488 -14.85 7.37 18.19
N GLY A 489 -15.36 6.14 18.30
CA GLY A 489 -16.33 5.61 17.37
C GLY A 489 -17.63 6.38 17.38
N ALA A 490 -18.08 6.77 18.58
CA ALA A 490 -19.31 7.54 18.74
C ALA A 490 -19.20 8.92 18.14
N ARG A 491 -18.01 9.53 18.29
CA ARG A 491 -17.73 10.83 17.70
C ARG A 491 -17.70 10.77 16.18
N LEU A 492 -17.09 9.72 15.62
CA LEU A 492 -17.07 9.55 14.16
C LEU A 492 -18.50 9.34 13.65
N ARG A 493 -19.28 8.51 14.32
CA ARG A 493 -20.66 8.24 13.92
C ARG A 493 -21.51 9.51 13.94
N ALA A 494 -21.39 10.29 15.02
CA ALA A 494 -22.10 11.57 15.12
C ALA A 494 -21.76 12.49 13.95
N MET A 495 -20.47 12.60 13.62
CA MET A 495 -20.05 13.43 12.49
C MET A 495 -20.60 12.94 11.14
N ALA A 496 -20.57 11.63 10.92
CA ALA A 496 -21.11 11.06 9.69
C ALA A 496 -22.62 11.28 9.60
N GLU A 497 -23.32 11.10 10.72
CA GLU A 497 -24.77 11.32 10.78
C GLU A 497 -25.09 12.78 10.54
N ALA A 498 -24.17 13.66 10.91
CA ALA A 498 -24.37 15.09 10.77
C ALA A 498 -24.05 15.61 9.37
N THR A 499 -23.43 14.77 8.53
CA THR A 499 -22.97 15.20 7.21
C THR A 499 -23.47 14.29 6.09
N GLU A 500 -24.57 13.58 6.34
CA GLU A 500 -25.19 12.71 5.33
C GLU A 500 -24.24 11.63 4.80
N ARG A 501 -23.44 11.06 5.69
CA ARG A 501 -22.49 10.00 5.34
C ARG A 501 -22.83 8.66 5.97
N LEU A 502 -24.00 8.57 6.60
CA LEU A 502 -24.50 7.30 7.12
C LEU A 502 -25.82 6.95 6.45
C1 GLC B . 3.79 6.24 -3.51
C2 GLC B . 3.74 6.15 -1.96
C3 GLC B . 5.03 6.60 -1.29
C4 GLC B . 6.24 5.93 -1.95
C5 GLC B . 6.23 6.28 -3.43
C6 GLC B . 7.44 5.81 -4.25
O2 GLC B . 2.65 6.88 -1.46
O3 GLC B . 4.91 6.27 0.07
O4 GLC B . 7.45 6.37 -1.35
O5 GLC B . 5.06 5.70 -3.97
O6 GLC B . 7.66 4.43 -4.03
C1 AC1 B . 7.84 5.71 -0.15
O2 AC1 B . 8.38 7.93 0.65
C2 AC1 B . 8.87 6.61 0.54
C4A AC1 B . 15.01 6.62 -2.94
C3 AC1 B . 10.19 6.64 -0.23
O3 AC1 B . 11.14 7.42 0.49
C4 AC1 B . 10.65 5.19 -0.39
N4A AC1 B . 11.98 5.12 -0.97
C5 AC1 B . 9.59 4.40 -1.18
O5 AC1 B . 8.38 4.41 -0.44
C6 AC1 B . 9.98 2.96 -1.46
C1B AC1 B . 12.30 5.42 -2.36
C2B AC1 B . 13.52 4.61 -2.80
O2B AC1 B . 13.46 3.28 -2.28
C3B AC1 B . 14.83 5.25 -2.32
O3B AC1 B . 15.92 4.42 -2.69
O4 AC1 B . 16.09 7.27 -2.30
C5B AC1 B . 13.75 7.46 -2.80
C7B AC1 B . 12.55 6.91 -2.54
C6B AC1 B . 13.87 8.96 -2.95
O6B AC1 B . 12.60 9.54 -3.24
C1 GOL C . 2.93 22.93 2.31
O1 GOL C . 2.51 24.17 1.77
C2 GOL C . 1.77 22.29 3.08
O2 GOL C . 1.75 22.77 4.40
C3 GOL C . 1.93 20.77 3.08
O3 GOL C . 3.10 20.35 3.73
C1 MLI D . 13.60 -14.62 4.97
C2 MLI D . 14.90 -14.15 5.54
C3 MLI D . 13.86 -15.77 4.04
O6 MLI D . 15.41 -14.79 6.50
O7 MLI D . 15.44 -13.14 5.06
O8 MLI D . 14.07 -16.90 4.54
O9 MLI D . 13.89 -15.57 2.81
#